data_3MDG
#
_entry.id   3MDG
#
_cell.length_a   71.880
_cell.length_b   73.875
_cell.length_c   96.727
_cell.angle_alpha   90.000
_cell.angle_beta   90.000
_cell.angle_gamma   90.000
#
_symmetry.space_group_name_H-M   'P 21 21 21'
#
loop_
_entity.id
_entity.type
_entity.pdbx_description
1 polymer 'Cleavage and polyadenylation specificity factor subunit 5'
2 polymer "RNA (5'-R(*UP*UP*GP*UP*AP*U)-3')"
3 non-polymer GLYCEROL
4 water water
#
loop_
_entity_poly.entity_id
_entity_poly.type
_entity_poly.pdbx_seq_one_letter_code
_entity_poly.pdbx_strand_id
1 'polypeptide(L)'
;MSVVPPNRSQTGWPRGVTQFGNKYIQQTKPLTLERTINLYPLTNYTFGTKEPLYEKDSSVAARFQRMREEFDKIGMRRTV
EGVLIVHEHRLPHVLLLQLGTTFFKLPGGELNPGEDEVEGLKRLMTEILGRQDGVLQDWVIDDCIGNWWRPNFEPPQYPY
IPAHITKPKEHKKLFLVQLQEKALFAVPKNYKLVAAPLFELYDNAPGYGPIISSLPQLLSRFNFIYN
;
A,B
2 'polyribonucleotide' UUGUAU C
#
loop_
_chem_comp.id
_chem_comp.type
_chem_comp.name
_chem_comp.formula
A RNA linking ADENOSINE-5'-MONOPHOSPHATE 'C10 H14 N5 O7 P'
G RNA linking GUANOSINE-5'-MONOPHOSPHATE 'C10 H14 N5 O8 P'
GOL non-polymer GLYCEROL 'C3 H8 O3'
U RNA linking URIDINE-5'-MONOPHOSPHATE 'C9 H13 N2 O9 P'
#
# COMPACT_ATOMS: atom_id res chain seq x y z
N THR A 28 -3.33 -13.31 17.61
CA THR A 28 -4.71 -12.95 17.97
C THR A 28 -5.45 -12.30 16.79
N LYS A 29 -4.92 -11.18 16.30
CA LYS A 29 -5.49 -10.47 15.15
C LYS A 29 -5.08 -11.13 13.83
N PRO A 30 -6.04 -11.30 12.91
CA PRO A 30 -5.77 -11.83 11.57
C PRO A 30 -4.59 -11.08 10.94
N LEU A 31 -3.60 -11.79 10.39
CA LEU A 31 -2.43 -11.16 9.75
C LEU A 31 -2.86 -10.29 8.57
N THR A 32 -4.15 -10.34 8.28
CA THR A 32 -4.76 -9.56 7.23
C THR A 32 -5.09 -8.17 7.83
N LEU A 33 -5.45 -8.16 9.11
CA LEU A 33 -5.74 -6.93 9.85
C LEU A 33 -4.49 -6.30 10.45
N GLU A 34 -3.65 -7.10 11.08
CA GLU A 34 -2.43 -6.60 11.66
C GLU A 34 -1.23 -7.45 11.31
N ARG A 35 -0.25 -6.80 10.70
CA ARG A 35 0.95 -7.46 10.23
C ARG A 35 2.17 -6.90 10.95
N THR A 36 2.69 -7.66 11.91
CA THR A 36 3.85 -7.25 12.69
C THR A 36 5.16 -7.76 12.06
N ILE A 37 6.12 -6.84 11.90
CA ILE A 37 7.40 -7.15 11.29
C ILE A 37 8.55 -6.69 12.17
N ASN A 38 9.54 -7.55 12.34
CA ASN A 38 10.73 -7.20 13.10
C ASN A 38 11.79 -6.53 12.24
N LEU A 39 12.21 -5.35 12.68
CA LEU A 39 13.30 -4.64 12.05
C LEU A 39 14.48 -4.72 13.00
N TYR A 40 15.69 -4.67 12.47
CA TYR A 40 16.87 -4.61 13.30
C TYR A 40 17.78 -3.49 12.83
N PRO A 41 18.74 -3.08 13.68
CA PRO A 41 19.61 -1.95 13.32
C PRO A 41 20.40 -2.25 12.06
N LEU A 42 20.77 -1.19 11.36
CA LEU A 42 21.64 -1.30 10.19
C LEU A 42 22.97 -1.98 10.55
N THR A 43 23.49 -1.67 11.73
CA THR A 43 24.76 -2.22 12.23
C THR A 43 24.71 -3.74 12.45
N ASN A 44 23.52 -4.28 12.63
CA ASN A 44 23.36 -5.73 12.74
C ASN A 44 23.82 -6.43 11.48
N TYR A 45 23.88 -5.68 10.40
CA TYR A 45 24.16 -6.24 9.09
C TYR A 45 25.50 -5.74 8.62
N THR A 46 26.26 -6.63 7.99
CA THR A 46 27.54 -6.21 7.46
C THR A 46 27.58 -6.45 5.97
N PHE A 47 28.20 -5.52 5.27
CA PHE A 47 28.16 -5.51 3.82
C PHE A 47 29.56 -5.58 3.22
N GLY A 48 29.87 -6.72 2.62
CA GLY A 48 31.08 -6.88 1.86
C GLY A 48 30.83 -6.47 0.42
N THR A 49 31.60 -7.05 -0.50
CA THR A 49 31.46 -6.75 -1.91
C THR A 49 31.89 -7.96 -2.70
N LYS A 50 31.43 -8.05 -3.95
CA LYS A 50 31.89 -9.08 -4.85
C LYS A 50 32.03 -8.50 -6.24
N GLU A 51 32.28 -9.35 -7.22
CA GLU A 51 32.54 -8.89 -8.58
C GLU A 51 31.33 -8.16 -9.17
N PRO A 52 31.59 -7.20 -10.05
CA PRO A 52 30.47 -6.44 -10.60
C PRO A 52 29.43 -7.32 -11.29
N LEU A 53 28.17 -6.91 -11.21
CA LEU A 53 27.05 -7.60 -11.85
C LEU A 53 26.32 -6.59 -12.72
N TYR A 54 26.56 -6.69 -14.02
CA TYR A 54 26.08 -5.67 -14.96
C TYR A 54 24.70 -5.98 -15.50
N GLU A 55 23.89 -4.95 -15.65
CA GLU A 55 22.55 -5.14 -16.19
C GLU A 55 22.59 -5.67 -17.63
N LYS A 56 21.56 -6.42 -18.01
CA LYS A 56 21.52 -7.07 -19.32
C LYS A 56 21.41 -6.02 -20.40
N ASP A 57 20.88 -4.86 -20.04
CA ASP A 57 20.71 -3.76 -20.99
C ASP A 57 21.68 -2.64 -20.63
N SER A 58 22.42 -2.16 -21.63
CA SER A 58 23.42 -1.13 -21.40
CA SER A 58 23.44 -1.13 -21.46
C SER A 58 22.89 0.28 -21.60
N SER A 59 21.65 0.38 -22.05
CA SER A 59 21.04 1.68 -22.31
C SER A 59 19.54 1.55 -22.21
N VAL A 60 18.85 2.68 -22.07
CA VAL A 60 17.40 2.67 -22.15
C VAL A 60 16.91 2.11 -23.48
N ALA A 61 17.61 2.48 -24.54
CA ALA A 61 17.24 2.09 -25.89
C ALA A 61 17.24 0.59 -26.03
N ALA A 62 18.27 -0.06 -25.51
CA ALA A 62 18.42 -1.51 -25.62
C ALA A 62 17.44 -2.22 -24.73
N ARG A 63 17.10 -1.60 -23.60
CA ARG A 63 16.14 -2.19 -22.66
C ARG A 63 14.76 -2.40 -23.31
N PHE A 64 14.26 -1.39 -23.99
CA PHE A 64 12.97 -1.51 -24.66
C PHE A 64 13.06 -2.33 -25.94
N GLN A 65 14.23 -2.38 -26.55
CA GLN A 65 14.43 -3.25 -27.70
C GLN A 65 14.31 -4.71 -27.28
N ARG A 66 14.90 -5.05 -26.14
CA ARG A 66 14.88 -6.44 -25.63
C ARG A 66 13.53 -6.80 -25.01
N MET A 67 12.80 -5.79 -24.56
CA MET A 67 11.44 -5.97 -24.04
C MET A 67 10.50 -6.42 -25.15
N ARG A 68 10.67 -5.84 -26.34
CA ARG A 68 9.88 -6.20 -27.51
C ARG A 68 10.14 -7.62 -28.02
N GLU A 69 11.42 -8.00 -28.10
CA GLU A 69 11.76 -9.36 -28.54
C GLU A 69 11.13 -10.40 -27.67
N GLU A 70 11.39 -10.28 -26.37
CA GLU A 70 10.93 -11.27 -25.41
C GLU A 70 9.42 -11.23 -25.31
N PHE A 71 8.84 -10.07 -25.58
CA PHE A 71 7.39 -9.96 -25.56
C PHE A 71 6.72 -10.83 -26.63
N ASP A 72 7.14 -10.62 -27.87
CA ASP A 72 6.70 -11.48 -28.96
C ASP A 72 7.07 -12.92 -28.68
N LYS A 73 8.27 -13.15 -28.14
CA LYS A 73 8.74 -14.51 -27.95
C LYS A 73 8.05 -15.26 -26.79
N ILE A 74 8.18 -14.75 -25.57
CA ILE A 74 7.69 -15.45 -24.38
C ILE A 74 6.51 -14.75 -23.66
N GLY A 75 6.06 -13.62 -24.20
CA GLY A 75 4.96 -12.88 -23.60
C GLY A 75 5.34 -11.79 -22.60
N MET A 76 4.36 -11.38 -21.79
CA MET A 76 4.54 -10.29 -20.84
C MET A 76 5.70 -10.53 -19.88
N ARG A 77 6.50 -9.49 -19.69
CA ARG A 77 7.59 -9.54 -18.71
C ARG A 77 7.07 -9.58 -17.29
N ARG A 78 7.48 -10.61 -16.55
CA ARG A 78 7.18 -10.72 -15.13
C ARG A 78 8.38 -10.33 -14.26
N THR A 79 8.28 -9.20 -13.58
CA THR A 79 9.36 -8.70 -12.74
C THR A 79 9.00 -8.72 -11.25
N VAL A 80 9.94 -9.14 -10.41
CA VAL A 80 9.73 -9.11 -8.96
C VAL A 80 10.86 -8.34 -8.27
N GLU A 81 10.53 -7.69 -7.16
CA GLU A 81 11.52 -6.91 -6.41
C GLU A 81 11.30 -6.98 -4.91
N GLY A 82 12.37 -6.74 -4.16
CA GLY A 82 12.36 -6.95 -2.74
C GLY A 82 12.61 -5.68 -1.99
N VAL A 83 11.79 -5.43 -0.98
CA VAL A 83 11.97 -4.30 -0.08
C VAL A 83 12.48 -4.83 1.24
N LEU A 84 13.76 -4.58 1.51
CA LEU A 84 14.45 -5.00 2.74
C LEU A 84 14.55 -3.82 3.66
N ILE A 85 14.09 -3.97 4.88
CA ILE A 85 14.04 -2.81 5.76
C ILE A 85 14.87 -3.04 7.01
N VAL A 86 15.54 -1.99 7.44
CA VAL A 86 16.28 -1.97 8.70
C VAL A 86 15.83 -0.70 9.43
N HIS A 87 16.37 -0.48 10.63
CA HIS A 87 16.05 0.79 11.31
C HIS A 87 17.31 1.45 11.84
N GLU A 88 17.20 2.75 12.08
CA GLU A 88 18.24 3.49 12.77
C GLU A 88 17.58 4.40 13.78
N HIS A 89 17.88 4.15 15.06
CA HIS A 89 17.23 4.88 16.13
C HIS A 89 15.72 4.94 15.91
N ARG A 90 15.14 3.78 15.68
CA ARG A 90 13.68 3.62 15.64
C ARG A 90 12.98 4.27 14.44
N LEU A 91 13.65 4.27 13.29
CA LEU A 91 13.06 4.78 12.04
C LEU A 91 13.38 3.86 10.87
N PRO A 92 12.35 3.36 10.18
CA PRO A 92 12.61 2.45 9.05
C PRO A 92 13.47 3.06 7.94
N HIS A 93 14.44 2.29 7.47
CA HIS A 93 15.22 2.65 6.29
C HIS A 93 15.11 1.52 5.27
N VAL A 94 14.87 1.87 4.00
CA VAL A 94 14.83 0.87 2.94
C VAL A 94 16.20 0.77 2.28
N LEU A 95 16.67 -0.47 2.08
CA LEU A 95 17.91 -0.70 1.33
C LEU A 95 17.70 -0.60 -0.19
N LEU A 96 18.49 0.26 -0.83
CA LEU A 96 18.44 0.52 -2.28
C LEU A 96 19.81 0.28 -2.91
N LEU A 97 19.82 -0.28 -4.11
CA LEU A 97 21.05 -0.40 -4.86
C LEU A 97 21.25 0.86 -5.71
N GLN A 98 22.30 1.63 -5.41
CA GLN A 98 22.62 2.80 -6.20
C GLN A 98 23.61 2.43 -7.31
N LEU A 99 23.17 2.59 -8.56
CA LEU A 99 24.02 2.27 -9.72
C LEU A 99 24.85 3.47 -10.19
N GLY A 100 24.33 4.68 -10.00
CA GLY A 100 25.10 5.86 -10.29
C GLY A 100 24.65 6.96 -9.35
N THR A 101 25.12 8.19 -9.56
CA THR A 101 24.70 9.30 -8.70
C THR A 101 23.20 9.64 -8.75
N THR A 102 22.52 9.25 -9.82
CA THR A 102 21.11 9.63 -9.97
C THR A 102 20.11 8.46 -10.12
N PHE A 103 20.58 7.22 -10.07
CA PHE A 103 19.66 6.09 -10.24
C PHE A 103 19.73 5.04 -9.13
N PHE A 104 18.56 4.70 -8.58
CA PHE A 104 18.44 3.72 -7.52
C PHE A 104 17.47 2.63 -7.92
N LYS A 105 17.79 1.38 -7.62
CA LYS A 105 16.85 0.30 -7.86
C LYS A 105 16.70 -0.59 -6.61
N LEU A 106 15.62 -1.37 -6.58
CA LEU A 106 15.40 -2.33 -5.53
C LEU A 106 16.04 -3.63 -5.97
N PRO A 107 16.54 -4.43 -5.02
CA PRO A 107 16.96 -5.78 -5.38
C PRO A 107 15.82 -6.55 -6.08
N GLY A 108 16.11 -7.14 -7.24
CA GLY A 108 15.10 -7.87 -7.99
C GLY A 108 15.49 -8.06 -9.43
N GLY A 109 14.53 -8.44 -10.27
CA GLY A 109 14.82 -8.70 -11.67
C GLY A 109 13.75 -9.46 -12.40
N GLU A 110 14.12 -10.02 -13.55
CA GLU A 110 13.18 -10.67 -14.42
C GLU A 110 13.10 -12.13 -14.11
N LEU A 111 11.86 -12.61 -14.04
CA LEU A 111 11.60 -14.02 -13.84
C LEU A 111 11.80 -14.78 -15.14
N ASN A 112 12.17 -16.05 -15.01
CA ASN A 112 12.18 -16.97 -16.14
C ASN A 112 10.76 -17.47 -16.44
N PRO A 113 10.48 -17.77 -17.71
CA PRO A 113 9.15 -18.27 -18.09
C PRO A 113 8.65 -19.39 -17.18
N GLY A 114 7.42 -19.24 -16.70
CA GLY A 114 6.85 -20.22 -15.80
C GLY A 114 7.32 -20.18 -14.36
N GLU A 115 8.49 -19.59 -14.11
CA GLU A 115 9.08 -19.60 -12.76
C GLU A 115 8.19 -18.96 -11.68
N ASP A 116 8.17 -19.57 -10.50
CA ASP A 116 7.42 -19.07 -9.35
C ASP A 116 7.90 -17.68 -8.92
N GLU A 117 6.99 -16.81 -8.50
CA GLU A 117 7.35 -15.43 -8.14
C GLU A 117 8.27 -15.32 -6.93
N VAL A 118 7.90 -15.99 -5.84
CA VAL A 118 8.72 -15.98 -4.63
C VAL A 118 10.01 -16.79 -4.78
N GLU A 119 9.95 -17.93 -5.47
CA GLU A 119 11.13 -18.72 -5.77
C GLU A 119 12.09 -17.92 -6.65
N GLY A 120 11.55 -17.29 -7.67
CA GLY A 120 12.31 -16.44 -8.56
C GLY A 120 12.94 -15.27 -7.81
N LEU A 121 12.13 -14.55 -7.03
CA LEU A 121 12.68 -13.46 -6.25
C LEU A 121 13.85 -13.90 -5.37
N LYS A 122 13.77 -15.07 -4.75
CA LYS A 122 14.85 -15.57 -3.89
C LYS A 122 16.15 -15.80 -4.69
N ARG A 123 16.01 -16.40 -5.87
CA ARG A 123 17.09 -16.59 -6.82
C ARG A 123 17.81 -15.27 -7.13
N LEU A 124 17.03 -14.25 -7.50
CA LEU A 124 17.55 -12.92 -7.83
C LEU A 124 18.26 -12.21 -6.66
N MET A 125 17.67 -12.27 -5.47
CA MET A 125 18.28 -11.69 -4.28
C MET A 125 19.63 -12.31 -3.91
N THR A 126 19.82 -13.60 -4.22
CA THR A 126 21.08 -14.26 -3.92
C THR A 126 22.16 -13.88 -4.93
N GLU A 127 21.77 -13.73 -6.19
CA GLU A 127 22.68 -13.25 -7.23
C GLU A 127 23.25 -11.90 -6.83
N ILE A 128 22.36 -10.97 -6.55
CA ILE A 128 22.73 -9.58 -6.33
C ILE A 128 23.37 -9.29 -4.96
N LEU A 129 23.05 -10.10 -3.96
CA LEU A 129 23.30 -9.68 -2.58
C LEU A 129 23.73 -10.85 -1.68
N GLY A 130 23.69 -12.04 -2.25
CA GLY A 130 24.03 -13.23 -1.49
C GLY A 130 25.52 -13.38 -1.23
N ARG A 131 25.87 -13.54 0.05
CA ARG A 131 27.22 -13.84 0.47
C ARG A 131 27.78 -15.03 -0.32
N GLN A 132 29.10 -15.02 -0.55
CA GLN A 132 29.72 -16.06 -1.34
C GLN A 132 30.58 -17.03 -0.51
N ASP A 133 30.46 -16.93 0.81
CA ASP A 133 31.21 -17.79 1.74
C ASP A 133 30.54 -19.13 2.00
N GLY A 134 29.77 -19.61 1.02
CA GLY A 134 29.15 -20.92 1.09
C GLY A 134 27.99 -21.03 2.08
N VAL A 135 27.86 -20.05 2.97
CA VAL A 135 26.79 -20.04 3.96
C VAL A 135 25.40 -19.91 3.35
N LEU A 136 24.49 -20.78 3.77
CA LEU A 136 23.09 -20.71 3.35
C LEU A 136 22.46 -19.38 3.76
N GLN A 137 22.00 -18.62 2.77
CA GLN A 137 21.21 -17.42 3.04
C GLN A 137 19.76 -17.70 2.69
N ASP A 138 18.91 -17.77 3.72
CA ASP A 138 17.48 -18.01 3.52
C ASP A 138 16.66 -16.72 3.61
N TRP A 139 15.96 -16.42 2.52
CA TRP A 139 15.19 -15.21 2.40
C TRP A 139 13.77 -15.49 2.83
N VAL A 140 13.23 -14.63 3.69
CA VAL A 140 11.87 -14.79 4.19
C VAL A 140 10.94 -13.82 3.48
N ILE A 141 10.08 -14.36 2.62
CA ILE A 141 9.19 -13.55 1.81
C ILE A 141 7.74 -14.00 1.99
N ASP A 142 7.02 -13.28 2.85
CA ASP A 142 5.65 -13.62 3.23
C ASP A 142 4.58 -12.65 2.74
N ASP A 143 4.99 -11.48 2.24
CA ASP A 143 4.08 -10.35 2.05
C ASP A 143 4.23 -9.67 0.71
N CYS A 144 3.14 -9.57 -0.04
CA CYS A 144 3.07 -8.73 -1.24
C CYS A 144 2.68 -7.34 -0.79
N ILE A 145 3.41 -6.33 -1.25
CA ILE A 145 3.09 -4.95 -0.89
C ILE A 145 2.61 -4.07 -2.06
N GLY A 146 2.78 -4.52 -3.29
CA GLY A 146 2.25 -3.73 -4.38
C GLY A 146 2.45 -4.34 -5.73
N ASN A 147 1.73 -3.79 -6.72
CA ASN A 147 1.85 -4.22 -8.11
C ASN A 147 1.91 -2.97 -8.99
N TRP A 148 2.81 -2.98 -9.96
CA TRP A 148 2.87 -1.94 -10.99
C TRP A 148 2.82 -2.56 -12.39
N TRP A 149 2.10 -1.93 -13.31
CA TRP A 149 1.99 -2.41 -14.69
C TRP A 149 2.50 -1.41 -15.71
N ARG A 150 3.15 -1.92 -16.75
CA ARG A 150 3.64 -1.10 -17.86
C ARG A 150 2.81 -1.38 -19.12
N PRO A 151 1.86 -0.49 -19.43
CA PRO A 151 0.95 -0.70 -20.55
C PRO A 151 1.65 -0.76 -21.92
N ASN A 152 2.68 0.06 -22.13
CA ASN A 152 3.37 0.10 -23.42
C ASN A 152 4.86 -0.15 -23.27
N PHE A 153 5.60 -0.14 -24.38
CA PHE A 153 7.05 -0.26 -24.33
C PHE A 153 7.67 1.11 -24.08
N GLU A 154 7.07 1.85 -23.14
CA GLU A 154 7.61 3.14 -22.76
CA GLU A 154 7.53 3.18 -22.75
C GLU A 154 7.79 3.20 -21.24
N PRO A 155 8.39 4.30 -20.72
CA PRO A 155 8.67 4.41 -19.28
C PRO A 155 7.50 4.33 -18.28
N PRO A 156 6.32 4.92 -18.60
CA PRO A 156 5.18 4.98 -17.68
C PRO A 156 4.73 3.65 -17.08
N GLN A 157 4.62 3.64 -15.75
CA GLN A 157 4.12 2.50 -14.98
C GLN A 157 3.03 2.99 -14.04
N TYR A 158 1.99 2.17 -13.84
CA TYR A 158 0.85 2.54 -12.99
C TYR A 158 0.56 1.44 -11.96
N PRO A 159 0.04 1.81 -10.78
CA PRO A 159 -0.24 0.79 -9.76
C PRO A 159 -1.58 0.07 -9.99
N TYR A 160 -2.06 0.11 -11.24
CA TYR A 160 -3.31 -0.54 -11.68
C TYR A 160 -3.19 -0.80 -13.19
N ILE A 161 -3.91 -1.78 -13.69
CA ILE A 161 -3.94 -1.99 -15.14
C ILE A 161 -4.84 -0.93 -15.75
N PRO A 162 -4.26 -0.05 -16.58
CA PRO A 162 -5.06 1.09 -17.04
C PRO A 162 -6.23 0.65 -17.91
N ALA A 163 -7.19 1.56 -18.08
CA ALA A 163 -8.40 1.24 -18.81
C ALA A 163 -8.06 0.79 -20.22
N HIS A 164 -8.62 -0.34 -20.63
CA HIS A 164 -8.57 -0.79 -22.04
C HIS A 164 -7.23 -1.34 -22.47
N ILE A 165 -6.31 -1.50 -21.52
CA ILE A 165 -5.06 -2.17 -21.79
C ILE A 165 -5.29 -3.65 -21.57
N THR A 166 -5.38 -4.39 -22.66
CA THR A 166 -5.57 -5.83 -22.59
C THR A 166 -4.22 -6.54 -22.48
N LYS A 167 -3.19 -5.93 -23.05
CA LYS A 167 -1.89 -6.57 -23.10
C LYS A 167 -0.80 -5.67 -22.51
N PRO A 168 -0.66 -5.67 -21.18
CA PRO A 168 0.43 -4.90 -20.56
C PRO A 168 1.76 -5.55 -20.93
N LYS A 169 2.82 -4.77 -21.15
CA LYS A 169 4.10 -5.33 -21.56
C LYS A 169 4.94 -5.86 -20.37
N GLU A 170 4.78 -5.23 -19.20
CA GLU A 170 5.46 -5.68 -17.98
C GLU A 170 4.54 -5.64 -16.78
N HIS A 171 4.64 -6.66 -15.93
CA HIS A 171 3.98 -6.63 -14.63
C HIS A 171 5.04 -6.78 -13.57
N LYS A 172 5.17 -5.74 -12.75
CA LYS A 172 6.11 -5.74 -11.64
C LYS A 172 5.41 -5.99 -10.29
N LYS A 173 5.95 -6.90 -9.50
CA LYS A 173 5.35 -7.22 -8.21
C LYS A 173 6.36 -6.98 -7.10
N LEU A 174 5.94 -6.30 -6.03
CA LEU A 174 6.84 -5.95 -4.94
C LEU A 174 6.55 -6.74 -3.66
N PHE A 175 7.62 -7.21 -3.02
CA PHE A 175 7.51 -8.06 -1.84
C PHE A 175 8.30 -7.49 -0.68
N LEU A 176 7.77 -7.66 0.52
CA LEU A 176 8.51 -7.35 1.73
C LEU A 176 9.32 -8.58 2.13
N VAL A 177 10.62 -8.40 2.26
CA VAL A 177 11.52 -9.47 2.66
C VAL A 177 11.89 -9.23 4.12
N GLN A 178 11.50 -10.13 5.00
CA GLN A 178 11.87 -9.98 6.40
C GLN A 178 13.31 -10.47 6.64
N LEU A 179 14.17 -9.58 7.10
CA LEU A 179 15.58 -9.93 7.28
C LEU A 179 15.78 -10.66 8.60
N GLN A 180 16.68 -11.65 8.63
CA GLN A 180 17.03 -12.29 9.88
C GLN A 180 17.71 -11.25 10.81
N GLU A 181 18.00 -11.66 12.05
CA GLU A 181 18.49 -10.72 13.08
C GLU A 181 19.83 -10.10 12.75
N LYS A 182 20.77 -10.89 12.26
CA LYS A 182 22.03 -10.39 11.71
C LYS A 182 22.30 -11.14 10.42
N ALA A 183 22.96 -10.47 9.48
CA ALA A 183 23.26 -11.08 8.19
C ALA A 183 24.49 -10.47 7.55
N LEU A 184 25.08 -11.26 6.64
CA LEU A 184 26.18 -10.77 5.83
C LEU A 184 25.74 -10.70 4.36
N PHE A 185 25.87 -9.52 3.78
CA PHE A 185 25.51 -9.31 2.38
C PHE A 185 26.72 -8.94 1.55
N ALA A 186 26.76 -9.41 0.31
CA ALA A 186 27.85 -9.11 -0.60
C ALA A 186 27.31 -8.30 -1.79
N VAL A 187 27.74 -7.04 -1.88
CA VAL A 187 27.25 -6.12 -2.92
C VAL A 187 28.21 -6.03 -4.09
N PRO A 188 27.72 -6.28 -5.32
CA PRO A 188 28.61 -6.16 -6.49
C PRO A 188 29.35 -4.82 -6.53
N LYS A 189 30.64 -4.86 -6.85
CA LYS A 189 31.50 -3.67 -6.75
C LYS A 189 30.98 -2.49 -7.55
N ASN A 190 30.11 -2.76 -8.53
CA ASN A 190 29.51 -1.67 -9.31
C ASN A 190 28.31 -0.98 -8.64
N TYR A 191 27.71 -1.60 -7.63
CA TYR A 191 26.63 -0.95 -6.88
C TYR A 191 27.16 -0.45 -5.55
N LYS A 192 26.46 0.53 -4.99
CA LYS A 192 26.59 0.91 -3.58
C LYS A 192 25.24 0.61 -2.92
N LEU A 193 25.25 -0.09 -1.78
CA LEU A 193 24.02 -0.28 -1.02
C LEU A 193 23.80 0.93 -0.12
N VAL A 194 22.57 1.43 -0.09
CA VAL A 194 22.25 2.56 0.79
C VAL A 194 20.99 2.27 1.60
N ALA A 195 20.86 2.94 2.73
CA ALA A 195 19.67 2.81 3.55
C ALA A 195 18.97 4.16 3.57
N ALA A 196 17.83 4.25 2.89
CA ALA A 196 17.11 5.51 2.78
C ALA A 196 16.00 5.59 3.81
N PRO A 197 16.00 6.65 4.63
CA PRO A 197 14.89 6.86 5.56
C PRO A 197 13.63 7.18 4.78
N LEU A 198 12.46 6.80 5.29
CA LEU A 198 11.21 7.04 4.58
C LEU A 198 10.96 8.51 4.20
N PHE A 199 11.39 9.44 5.05
CA PHE A 199 11.16 10.86 4.74
C PHE A 199 11.94 11.31 3.50
N GLU A 200 13.01 10.58 3.19
CA GLU A 200 13.79 10.84 2.00
C GLU A 200 13.08 10.37 0.73
N LEU A 201 12.37 9.24 0.83
CA LEU A 201 11.65 8.70 -0.32
C LEU A 201 10.35 9.42 -0.57
N TYR A 202 9.64 9.75 0.51
CA TYR A 202 8.27 10.28 0.42
C TYR A 202 8.20 11.60 -0.32
N ASP A 203 7.23 11.71 -1.24
CA ASP A 203 7.03 12.93 -2.06
C ASP A 203 8.30 13.31 -2.84
N ASN A 204 9.05 12.30 -3.26
CA ASN A 204 10.32 12.51 -3.94
C ASN A 204 10.42 11.64 -5.19
N ALA A 205 9.34 11.57 -5.96
CA ALA A 205 9.40 10.88 -7.24
C ALA A 205 10.52 11.45 -8.11
N PRO A 206 10.72 12.78 -8.09
CA PRO A 206 11.84 13.37 -8.83
C PRO A 206 13.22 12.75 -8.52
N GLY A 207 13.42 12.29 -7.29
CA GLY A 207 14.67 11.67 -6.92
C GLY A 207 14.69 10.16 -7.06
N TYR A 208 13.53 9.53 -6.91
CA TYR A 208 13.48 8.07 -6.84
C TYR A 208 12.51 7.40 -7.79
N GLY A 209 11.69 8.17 -8.50
CA GLY A 209 10.66 7.59 -9.34
C GLY A 209 9.33 7.43 -8.62
N PRO A 210 8.30 6.95 -9.34
CA PRO A 210 6.99 6.81 -8.72
C PRO A 210 6.89 5.56 -7.85
N ILE A 211 7.75 4.57 -8.08
CA ILE A 211 7.65 3.31 -7.34
C ILE A 211 8.37 3.39 -5.97
N ILE A 212 9.63 3.79 -5.96
CA ILE A 212 10.38 3.88 -4.71
C ILE A 212 9.85 5.00 -3.81
N SER A 213 9.44 6.11 -4.42
CA SER A 213 8.99 7.25 -3.65
C SER A 213 7.65 7.02 -2.95
N SER A 214 7.02 5.88 -3.22
CA SER A 214 5.74 5.58 -2.57
C SER A 214 5.82 4.34 -1.69
N LEU A 215 7.03 3.84 -1.46
CA LEU A 215 7.26 2.82 -0.43
C LEU A 215 6.81 3.27 0.96
N PRO A 216 6.96 4.57 1.27
CA PRO A 216 6.44 4.95 2.59
C PRO A 216 4.96 4.64 2.76
N GLN A 217 4.12 4.98 1.79
CA GLN A 217 2.69 4.69 1.86
C GLN A 217 2.48 3.18 1.91
N LEU A 218 3.20 2.46 1.06
CA LEU A 218 3.06 1.00 0.97
C LEU A 218 3.47 0.30 2.24
N LEU A 219 4.29 0.95 3.06
CA LEU A 219 4.84 0.29 4.23
C LEU A 219 4.10 0.69 5.51
N SER A 220 3.18 1.66 5.38
CA SER A 220 2.57 2.30 6.55
C SER A 220 1.68 1.37 7.35
N ARG A 221 1.16 0.34 6.69
CA ARG A 221 0.23 -0.60 7.31
C ARG A 221 0.91 -1.55 8.31
N PHE A 222 2.21 -1.78 8.14
CA PHE A 222 2.91 -2.73 9.01
C PHE A 222 3.18 -2.16 10.40
N ASN A 223 3.01 -3.01 11.41
CA ASN A 223 3.47 -2.69 12.76
C ASN A 223 4.91 -3.12 12.92
N PHE A 224 5.81 -2.16 12.86
CA PHE A 224 7.24 -2.41 12.93
C PHE A 224 7.72 -2.45 14.36
N ILE A 225 8.40 -3.54 14.72
CA ILE A 225 9.02 -3.72 16.02
C ILE A 225 10.52 -3.44 15.88
N TYR A 226 11.02 -2.50 16.68
CA TYR A 226 12.43 -2.15 16.61
C TYR A 226 13.32 -3.07 17.44
N ASN A 227 13.61 -4.23 16.83
CA ASN A 227 14.43 -5.33 17.37
C ASN A 227 13.65 -6.63 17.64
N THR B 18 -8.95 -35.45 6.59
CA THR B 18 -9.25 -36.88 6.47
C THR B 18 -8.68 -37.48 5.17
N GLN B 19 -8.13 -38.68 5.28
CA GLN B 19 -7.64 -39.42 4.11
C GLN B 19 -8.74 -40.33 3.56
N PHE B 20 -9.82 -40.47 4.32
CA PHE B 20 -11.01 -41.22 3.89
C PHE B 20 -12.13 -40.23 3.52
N GLY B 21 -11.87 -39.40 2.53
CA GLY B 21 -12.86 -38.45 2.06
C GLY B 21 -12.29 -37.35 1.18
N ASN B 22 -13.19 -36.63 0.51
CA ASN B 22 -12.80 -35.54 -0.38
C ASN B 22 -11.92 -34.50 0.29
N LYS B 23 -10.96 -33.99 -0.46
CA LYS B 23 -10.12 -32.88 -0.03
C LYS B 23 -10.72 -31.56 -0.54
N TYR B 24 -11.11 -30.69 0.38
CA TYR B 24 -11.66 -29.39 0.03
CA TYR B 24 -11.64 -29.38 0.02
C TYR B 24 -10.52 -28.37 -0.21
N ILE B 25 -10.16 -28.22 -1.47
CA ILE B 25 -9.04 -27.37 -1.91
C ILE B 25 -9.23 -25.88 -1.60
N GLN B 26 -8.27 -25.32 -0.87
CA GLN B 26 -8.25 -23.90 -0.52
C GLN B 26 -7.22 -23.12 -1.37
N GLN B 27 -7.33 -21.79 -1.37
CA GLN B 27 -6.32 -20.97 -2.05
C GLN B 27 -4.96 -21.33 -1.50
N THR B 28 -4.00 -21.52 -2.40
CA THR B 28 -2.69 -22.01 -1.99
C THR B 28 -1.85 -20.98 -1.24
N LYS B 29 -1.65 -19.79 -1.84
CA LYS B 29 -0.82 -18.80 -1.17
C LYS B 29 -1.49 -18.29 0.09
N PRO B 30 -0.67 -17.99 1.12
CA PRO B 30 -1.15 -17.32 2.33
C PRO B 30 -1.81 -15.99 1.98
N LEU B 31 -2.75 -15.56 2.82
CA LEU B 31 -3.44 -14.29 2.62
C LEU B 31 -2.51 -13.08 2.73
N THR B 32 -1.36 -13.26 3.37
CA THR B 32 -0.37 -12.19 3.46
C THR B 32 0.27 -11.95 2.09
N LEU B 33 0.25 -12.98 1.25
CA LEU B 33 0.92 -12.97 -0.06
C LEU B 33 -0.07 -12.72 -1.22
N GLU B 34 -1.24 -13.34 -1.17
CA GLU B 34 -2.28 -13.04 -2.14
C GLU B 34 -3.64 -12.85 -1.45
N ARG B 35 -4.06 -11.60 -1.40
CA ARG B 35 -5.29 -11.24 -0.70
C ARG B 35 -6.36 -10.95 -1.74
N THR B 36 -7.30 -11.87 -1.86
CA THR B 36 -8.33 -11.79 -2.86
C THR B 36 -9.58 -11.12 -2.28
N ILE B 37 -10.13 -10.18 -3.05
CA ILE B 37 -11.25 -9.35 -2.64
C ILE B 37 -12.28 -9.29 -3.77
N ASN B 38 -13.55 -9.52 -3.44
CA ASN B 38 -14.66 -9.40 -4.40
C ASN B 38 -15.18 -7.99 -4.64
N LEU B 39 -15.19 -7.56 -5.90
CA LEU B 39 -15.80 -6.28 -6.30
C LEU B 39 -17.05 -6.53 -7.12
N TYR B 40 -18.12 -5.83 -6.79
CA TYR B 40 -19.34 -5.97 -7.57
C TYR B 40 -19.60 -4.68 -8.33
N PRO B 41 -20.45 -4.73 -9.36
CA PRO B 41 -20.69 -3.54 -10.19
C PRO B 41 -21.42 -2.45 -9.41
N LEU B 42 -21.21 -1.19 -9.79
CA LEU B 42 -21.87 -0.09 -9.09
C LEU B 42 -23.40 -0.28 -9.12
N THR B 43 -23.90 -0.76 -10.25
CA THR B 43 -25.33 -0.96 -10.44
C THR B 43 -25.91 -2.07 -9.54
N ASN B 44 -25.08 -2.67 -8.71
CA ASN B 44 -25.56 -3.66 -7.74
C ASN B 44 -26.12 -2.98 -6.49
N TYR B 45 -25.82 -1.69 -6.37
CA TYR B 45 -26.11 -0.98 -5.13
C TYR B 45 -27.21 0.06 -5.30
N THR B 46 -27.95 0.28 -4.23
CA THR B 46 -29.01 1.27 -4.23
C THR B 46 -28.62 2.40 -3.29
N PHE B 47 -28.81 3.62 -3.76
CA PHE B 47 -28.51 4.78 -2.94
C PHE B 47 -29.74 5.64 -2.67
N GLY B 48 -29.89 5.98 -1.40
CA GLY B 48 -30.95 6.85 -0.97
C GLY B 48 -30.37 8.03 -0.22
N THR B 49 -31.25 8.77 0.42
CA THR B 49 -30.86 9.99 1.10
C THR B 49 -31.31 9.90 2.54
N LYS B 50 -30.53 10.48 3.45
CA LYS B 50 -30.94 10.60 4.83
C LYS B 50 -30.60 11.99 5.35
N GLU B 51 -30.88 12.21 6.64
CA GLU B 51 -30.69 13.50 7.26
C GLU B 51 -29.25 13.96 7.15
N PRO B 52 -29.04 15.27 6.94
CA PRO B 52 -27.69 15.79 6.84
C PRO B 52 -26.91 15.53 8.13
N LEU B 53 -25.62 15.25 7.99
CA LEU B 53 -24.74 15.06 9.12
C LEU B 53 -23.81 16.25 9.06
N TYR B 54 -24.07 17.27 9.87
CA TYR B 54 -23.23 18.47 9.85
C TYR B 54 -21.96 18.26 10.69
N GLU B 55 -20.88 18.96 10.37
CA GLU B 55 -19.62 18.78 11.07
C GLU B 55 -19.62 19.33 12.50
N LYS B 56 -18.81 18.72 13.37
CA LYS B 56 -18.70 19.18 14.75
C LYS B 56 -18.04 20.55 14.80
N ASP B 57 -17.34 20.90 13.73
CA ASP B 57 -16.59 22.16 13.70
C ASP B 57 -17.10 23.16 12.68
N SER B 58 -17.44 24.37 13.17
CA SER B 58 -18.04 25.42 12.35
C SER B 58 -17.03 26.16 11.47
N SER B 59 -15.75 25.84 11.64
CA SER B 59 -14.68 26.42 10.81
C SER B 59 -13.34 25.76 11.13
N VAL B 60 -12.33 26.05 10.32
CA VAL B 60 -10.99 25.50 10.55
C VAL B 60 -10.45 25.84 11.93
N ALA B 61 -10.47 27.12 12.26
CA ALA B 61 -9.94 27.60 13.53
C ALA B 61 -10.65 26.89 14.66
N ALA B 62 -11.96 26.78 14.56
CA ALA B 62 -12.77 26.14 15.59
C ALA B 62 -12.38 24.68 15.78
N ARG B 63 -11.73 24.13 14.76
CA ARG B 63 -11.45 22.69 14.70
C ARG B 63 -10.06 22.27 15.19
N PHE B 64 -9.03 23.08 14.91
CA PHE B 64 -7.73 22.84 15.49
C PHE B 64 -7.70 23.36 16.93
N GLN B 65 -8.64 24.25 17.24
CA GLN B 65 -8.82 24.69 18.61
C GLN B 65 -9.41 23.52 19.40
N ARG B 66 -10.51 22.96 18.91
CA ARG B 66 -11.09 21.79 19.54
C ARG B 66 -10.12 20.62 19.60
N MET B 67 -9.24 20.53 18.61
CA MET B 67 -8.26 19.47 18.57
C MET B 67 -7.18 19.67 19.65
N ARG B 68 -6.75 20.91 19.85
CA ARG B 68 -5.82 21.21 20.94
CA ARG B 68 -5.82 21.23 20.95
C ARG B 68 -6.46 20.90 22.30
N GLU B 69 -7.65 21.46 22.53
CA GLU B 69 -8.34 21.25 23.79
C GLU B 69 -8.51 19.77 24.08
N GLU B 70 -9.08 19.02 23.14
CA GLU B 70 -9.29 17.61 23.33
C GLU B 70 -8.00 16.85 23.60
N PHE B 71 -6.92 17.28 22.95
CA PHE B 71 -5.61 16.64 23.16
C PHE B 71 -5.16 16.70 24.61
N ASP B 72 -5.44 17.84 25.26
CA ASP B 72 -5.04 18.06 26.65
C ASP B 72 -5.80 17.14 27.62
N LYS B 73 -7.06 16.84 27.31
CA LYS B 73 -7.87 16.06 28.23
C LYS B 73 -8.41 14.69 27.79
N ILE B 74 -8.02 14.22 26.60
CA ILE B 74 -8.18 12.78 26.29
C ILE B 74 -7.02 12.19 25.46
N GLY B 75 -6.03 12.99 25.12
CA GLY B 75 -4.85 12.51 24.42
C GLY B 75 -4.93 12.53 22.90
N MET B 76 -4.00 11.82 22.26
CA MET B 76 -3.91 11.76 20.81
C MET B 76 -5.25 11.38 20.14
N ARG B 77 -5.63 12.15 19.11
CA ARG B 77 -6.84 11.86 18.37
C ARG B 77 -6.65 10.61 17.54
N ARG B 78 -7.61 9.71 17.59
CA ARG B 78 -7.57 8.47 16.82
CA ARG B 78 -7.55 8.50 16.80
C ARG B 78 -8.72 8.46 15.81
N THR B 79 -8.38 8.47 14.52
CA THR B 79 -9.34 8.46 13.42
CA THR B 79 -9.38 8.43 13.47
C THR B 79 -9.30 7.15 12.65
N VAL B 80 -10.46 6.68 12.20
CA VAL B 80 -10.50 5.52 11.32
C VAL B 80 -11.25 5.88 10.04
N GLU B 81 -10.81 5.35 8.91
CA GLU B 81 -11.56 5.59 7.68
C GLU B 81 -11.72 4.36 6.79
N GLY B 82 -12.85 4.28 6.09
CA GLY B 82 -13.15 3.10 5.31
C GLY B 82 -13.05 3.36 3.83
N VAL B 83 -12.41 2.42 3.13
CA VAL B 83 -12.29 2.49 1.68
C VAL B 83 -13.25 1.49 1.09
N LEU B 84 -14.28 1.99 0.41
CA LEU B 84 -15.31 1.14 -0.17
C LEU B 84 -15.14 1.13 -1.69
N ILE B 85 -15.13 -0.07 -2.25
CA ILE B 85 -14.77 -0.22 -3.65
C ILE B 85 -15.82 -0.97 -4.45
N VAL B 86 -16.11 -0.46 -5.63
CA VAL B 86 -17.01 -1.13 -6.55
C VAL B 86 -16.29 -1.15 -7.91
N HIS B 87 -16.90 -1.78 -8.91
CA HIS B 87 -16.31 -1.69 -10.25
C HIS B 87 -17.35 -1.34 -11.30
N GLU B 88 -16.85 -0.79 -12.39
CA GLU B 88 -17.69 -0.46 -13.54
C GLU B 88 -16.91 -0.95 -14.75
N HIS B 89 -17.46 -1.95 -15.43
CA HIS B 89 -16.78 -2.59 -16.54
C HIS B 89 -15.35 -2.96 -16.18
N ARG B 90 -15.20 -3.64 -15.04
CA ARG B 90 -13.94 -4.23 -14.60
C ARG B 90 -12.82 -3.23 -14.27
N LEU B 91 -13.21 -2.06 -13.79
CA LEU B 91 -12.25 -1.04 -13.36
C LEU B 91 -12.64 -0.50 -11.97
N PRO B 92 -11.76 -0.64 -10.96
CA PRO B 92 -12.16 -0.32 -9.57
C PRO B 92 -12.39 1.18 -9.30
N HIS B 93 -13.48 1.50 -8.59
CA HIS B 93 -13.79 2.87 -8.18
C HIS B 93 -13.91 2.98 -6.66
N VAL B 94 -13.31 4.01 -6.06
CA VAL B 94 -13.45 4.21 -4.62
C VAL B 94 -14.67 5.10 -4.38
N LEU B 95 -15.48 4.75 -3.39
CA LEU B 95 -16.61 5.59 -3.03
C LEU B 95 -16.13 6.74 -2.14
N LEU B 96 -16.33 7.97 -2.60
CA LEU B 96 -15.91 9.16 -1.88
C LEU B 96 -17.11 10.04 -1.59
N LEU B 97 -17.16 10.62 -0.39
CA LEU B 97 -18.15 11.64 -0.05
C LEU B 97 -17.66 13.03 -0.45
N GLN B 98 -18.46 13.76 -1.22
CA GLN B 98 -18.12 15.12 -1.62
C GLN B 98 -18.89 16.15 -0.77
N LEU B 99 -18.13 16.94 0.00
CA LEU B 99 -18.69 18.00 0.83
C LEU B 99 -18.84 19.28 0.01
N GLY B 100 -19.77 19.24 -0.95
CA GLY B 100 -19.93 20.34 -1.87
C GLY B 100 -18.71 20.43 -2.75
N THR B 101 -18.81 21.26 -3.78
CA THR B 101 -17.73 21.47 -4.75
C THR B 101 -16.27 21.37 -4.26
N THR B 102 -15.54 20.49 -4.92
CA THR B 102 -14.08 20.35 -4.76
C THR B 102 -13.56 19.70 -3.46
N PHE B 103 -14.44 19.32 -2.52
CA PHE B 103 -13.90 18.65 -1.31
C PHE B 103 -14.38 17.22 -1.04
N PHE B 104 -13.42 16.30 -0.95
CA PHE B 104 -13.73 14.89 -0.80
C PHE B 104 -13.20 14.32 0.51
N LYS B 105 -13.97 13.42 1.11
CA LYS B 105 -13.54 12.64 2.27
C LYS B 105 -13.97 11.17 2.18
N LEU B 106 -13.21 10.29 2.82
CA LEU B 106 -13.62 8.90 2.97
C LEU B 106 -14.55 8.85 4.15
N PRO B 107 -15.45 7.86 4.15
CA PRO B 107 -16.30 7.56 5.31
C PRO B 107 -15.47 7.09 6.52
N GLY B 108 -15.84 7.57 7.71
CA GLY B 108 -15.08 7.32 8.92
C GLY B 108 -15.07 8.56 9.81
N GLY B 109 -14.15 8.61 10.77
CA GLY B 109 -14.12 9.70 11.73
C GLY B 109 -13.42 9.32 13.02
N GLU B 110 -13.79 9.97 14.12
CA GLU B 110 -13.11 9.82 15.41
C GLU B 110 -13.59 8.67 16.28
N LEU B 111 -12.63 7.91 16.79
CA LEU B 111 -12.91 6.87 17.77
C LEU B 111 -13.14 7.52 19.14
N ASN B 112 -14.02 6.91 19.94
CA ASN B 112 -14.18 7.34 21.33
C ASN B 112 -12.95 6.88 22.10
N PRO B 113 -12.78 7.39 23.34
CA PRO B 113 -11.62 6.92 24.10
C PRO B 113 -11.72 5.44 24.43
N GLY B 114 -10.65 4.68 24.21
CA GLY B 114 -10.65 3.25 24.47
C GLY B 114 -11.39 2.36 23.46
N GLU B 115 -12.10 2.97 22.50
CA GLU B 115 -12.92 2.21 21.56
C GLU B 115 -12.07 1.37 20.61
N ASP B 116 -12.52 0.15 20.32
CA ASP B 116 -11.86 -0.65 19.31
C ASP B 116 -11.92 0.01 17.92
N GLU B 117 -10.82 -0.08 17.18
CA GLU B 117 -10.71 0.58 15.89
C GLU B 117 -11.76 0.08 14.90
N VAL B 118 -11.86 -1.24 14.80
CA VAL B 118 -12.78 -1.85 13.85
C VAL B 118 -14.24 -1.68 14.28
N GLU B 119 -14.54 -1.91 15.55
CA GLU B 119 -15.88 -1.65 16.07
C GLU B 119 -16.25 -0.17 15.89
N GLY B 120 -15.27 0.70 16.09
CA GLY B 120 -15.46 2.12 15.90
C GLY B 120 -15.82 2.47 14.47
N LEU B 121 -15.11 1.88 13.50
CA LEU B 121 -15.38 2.13 12.08
C LEU B 121 -16.70 1.53 11.61
N LYS B 122 -17.10 0.41 12.17
CA LYS B 122 -18.43 -0.12 11.88
C LYS B 122 -19.53 0.82 12.41
N ARG B 123 -19.29 1.40 13.58
CA ARG B 123 -20.16 2.42 14.16
C ARG B 123 -20.28 3.63 13.21
N LEU B 124 -19.14 4.16 12.81
CA LEU B 124 -19.09 5.33 11.95
C LEU B 124 -19.59 5.11 10.53
N MET B 125 -19.41 3.90 9.99
CA MET B 125 -19.90 3.59 8.65
C MET B 125 -21.43 3.59 8.65
N THR B 126 -21.99 3.06 9.73
CA THR B 126 -23.44 2.98 9.92
C THR B 126 -24.10 4.36 10.06
N GLU B 127 -23.41 5.28 10.74
CA GLU B 127 -23.90 6.65 10.92
C GLU B 127 -23.93 7.40 9.61
N ILE B 128 -22.92 7.22 8.78
CA ILE B 128 -22.75 8.01 7.59
C ILE B 128 -23.51 7.45 6.39
N LEU B 129 -23.55 6.12 6.28
CA LEU B 129 -24.06 5.50 5.06
C LEU B 129 -25.05 4.39 5.33
N GLY B 130 -25.19 4.05 6.61
CA GLY B 130 -26.10 3.01 7.02
C GLY B 130 -27.52 3.30 6.58
N ARG B 131 -28.14 2.30 5.95
CA ARG B 131 -29.53 2.34 5.52
C ARG B 131 -30.49 2.54 6.69
N GLN B 132 -31.64 3.16 6.43
CA GLN B 132 -32.61 3.53 7.47
C GLN B 132 -33.77 2.54 7.63
N ASP B 133 -34.07 1.82 6.56
CA ASP B 133 -35.32 1.04 6.44
C ASP B 133 -35.45 -0.17 7.34
N GLY B 134 -34.47 -0.41 8.20
CA GLY B 134 -34.55 -1.53 9.11
C GLY B 134 -33.74 -2.76 8.75
N VAL B 135 -33.70 -3.11 7.46
CA VAL B 135 -32.89 -4.24 7.01
C VAL B 135 -31.45 -4.06 7.50
N LEU B 136 -31.02 -4.90 8.46
CA LEU B 136 -29.72 -4.70 9.08
C LEU B 136 -28.57 -4.93 8.10
N GLN B 137 -27.61 -4.03 8.17
CA GLN B 137 -26.50 -4.03 7.23
C GLN B 137 -25.22 -4.12 8.03
N ASP B 138 -24.53 -5.23 7.87
CA ASP B 138 -23.29 -5.49 8.56
C ASP B 138 -22.14 -5.06 7.67
N TRP B 139 -21.02 -4.71 8.29
CA TRP B 139 -19.82 -4.33 7.54
C TRP B 139 -18.72 -5.37 7.75
N VAL B 140 -18.08 -5.78 6.66
CA VAL B 140 -16.96 -6.72 6.71
C VAL B 140 -15.66 -5.94 6.65
N ILE B 141 -14.91 -5.96 7.74
CA ILE B 141 -13.67 -5.18 7.81
C ILE B 141 -12.51 -6.04 8.29
N ASP B 142 -11.75 -6.57 7.33
CA ASP B 142 -10.69 -7.53 7.64
C ASP B 142 -9.28 -7.02 7.36
N ASP B 143 -9.15 -5.90 6.64
CA ASP B 143 -7.85 -5.46 6.13
C ASP B 143 -7.45 -4.03 6.49
N CYS B 144 -6.26 -3.86 7.05
CA CYS B 144 -5.67 -2.53 7.20
C CYS B 144 -4.87 -2.18 5.95
N ILE B 145 -5.11 -1.00 5.38
CA ILE B 145 -4.39 -0.66 4.15
C ILE B 145 -3.31 0.42 4.34
N GLY B 146 -3.38 1.16 5.44
CA GLY B 146 -2.33 2.14 5.71
C GLY B 146 -2.51 2.94 6.99
N ASN B 147 -1.54 3.80 7.28
CA ASN B 147 -1.53 4.60 8.49
C ASN B 147 -0.99 6.00 8.21
N TRP B 148 -1.66 7.02 8.74
CA TRP B 148 -1.22 8.41 8.62
C TRP B 148 -1.16 9.12 9.98
N TRP B 149 -0.04 9.79 10.22
CA TRP B 149 0.16 10.56 11.44
C TRP B 149 0.22 12.07 11.18
N ARG B 150 -0.29 12.84 12.15
CA ARG B 150 -0.30 14.28 12.11
C ARG B 150 0.57 14.78 13.27
N PRO B 151 1.78 15.29 12.99
CA PRO B 151 2.72 15.59 14.09
C PRO B 151 2.42 16.86 14.88
N ASN B 152 1.62 17.78 14.33
CA ASN B 152 1.27 19.04 15.00
C ASN B 152 -0.18 19.35 14.80
N PHE B 153 -0.63 20.44 15.40
CA PHE B 153 -2.00 20.88 15.23
C PHE B 153 -2.15 21.65 13.93
N GLU B 154 -1.58 21.10 12.87
CA GLU B 154 -1.64 21.70 11.54
C GLU B 154 -2.13 20.65 10.54
N PRO B 155 -2.63 21.07 9.37
CA PRO B 155 -3.15 20.14 8.35
C PRO B 155 -2.24 18.98 7.91
N PRO B 156 -0.92 19.20 7.82
CA PRO B 156 0.04 18.19 7.32
C PRO B 156 0.01 16.81 8.00
N GLN B 157 -0.08 15.75 7.20
CA GLN B 157 -0.04 14.36 7.67
C GLN B 157 0.99 13.56 6.87
N TYR B 158 1.53 12.49 7.47
CA TYR B 158 2.58 11.66 6.86
C TYR B 158 2.34 10.16 7.13
N PRO B 159 2.77 9.30 6.19
CA PRO B 159 2.57 7.84 6.31
C PRO B 159 3.59 7.16 7.23
N TYR B 160 4.22 7.94 8.09
CA TYR B 160 5.22 7.45 9.03
C TYR B 160 5.21 8.43 10.18
N ILE B 161 5.79 8.04 11.31
CA ILE B 161 5.99 9.01 12.39
C ILE B 161 7.31 9.75 12.15
N PRO B 162 7.25 11.06 11.89
CA PRO B 162 8.51 11.72 11.55
C PRO B 162 9.53 11.68 12.68
N ALA B 163 10.80 11.82 12.31
CA ALA B 163 11.88 11.84 13.26
C ALA B 163 11.62 12.88 14.35
N HIS B 164 11.91 12.49 15.59
CA HIS B 164 11.84 13.38 16.76
C HIS B 164 10.41 13.77 17.17
N ILE B 165 9.40 13.22 16.47
CA ILE B 165 8.03 13.38 16.91
C ILE B 165 7.71 12.27 17.90
N THR B 166 7.55 12.63 19.17
CA THR B 166 7.28 11.65 20.22
C THR B 166 5.81 11.69 20.67
N LYS B 167 5.16 12.81 20.41
CA LYS B 167 3.75 12.94 20.76
C LYS B 167 2.94 13.43 19.54
N PRO B 168 2.70 12.55 18.57
CA PRO B 168 1.89 12.92 17.39
C PRO B 168 0.52 13.36 17.84
N LYS B 169 -0.08 14.34 17.16
CA LYS B 169 -1.36 14.91 17.60
C LYS B 169 -2.61 14.16 17.12
N GLU B 170 -2.45 13.38 16.04
CA GLU B 170 -3.52 12.54 15.54
C GLU B 170 -2.91 11.31 14.90
N HIS B 171 -3.63 10.19 14.96
CA HIS B 171 -3.26 8.96 14.26
C HIS B 171 -4.47 8.46 13.49
N LYS B 172 -4.32 8.36 12.17
CA LYS B 172 -5.41 7.95 11.29
C LYS B 172 -5.12 6.59 10.68
N LYS B 173 -6.09 5.69 10.75
CA LYS B 173 -5.90 4.34 10.27
C LYS B 173 -6.90 4.08 9.16
N LEU B 174 -6.43 3.56 8.03
CA LEU B 174 -7.30 3.24 6.90
C LEU B 174 -7.57 1.74 6.78
N PHE B 175 -8.83 1.40 6.47
CA PHE B 175 -9.29 0.01 6.37
C PHE B 175 -10.03 -0.26 5.05
N LEU B 176 -9.84 -1.44 4.50
CA LEU B 176 -10.65 -1.88 3.36
C LEU B 176 -11.99 -2.46 3.85
N VAL B 177 -13.08 -1.87 3.40
CA VAL B 177 -14.41 -2.36 3.77
C VAL B 177 -14.97 -3.16 2.59
N GLN B 178 -15.15 -4.45 2.82
CA GLN B 178 -15.65 -5.38 1.81
C GLN B 178 -17.17 -5.32 1.74
N LEU B 179 -17.69 -5.09 0.55
CA LEU B 179 -19.12 -4.89 0.34
C LEU B 179 -19.78 -6.24 -0.01
N GLN B 180 -21.06 -6.38 0.34
CA GLN B 180 -21.83 -7.57 -0.03
C GLN B 180 -22.25 -7.43 -1.48
N GLU B 181 -22.74 -8.51 -2.08
CA GLU B 181 -23.05 -8.49 -3.51
C GLU B 181 -24.08 -7.41 -3.82
N LYS B 182 -24.99 -7.17 -2.87
CA LYS B 182 -25.95 -6.09 -2.97
C LYS B 182 -26.09 -5.40 -1.62
N ALA B 183 -26.42 -4.12 -1.65
CA ALA B 183 -26.53 -3.34 -0.43
C ALA B 183 -27.19 -2.03 -0.74
N LEU B 184 -27.88 -1.48 0.26
CA LEU B 184 -28.51 -0.18 0.13
C LEU B 184 -27.80 0.76 1.10
N PHE B 185 -27.39 1.92 0.58
CA PHE B 185 -26.72 2.96 1.39
C PHE B 185 -27.56 4.23 1.41
N ALA B 186 -27.57 4.91 2.55
CA ALA B 186 -28.28 6.17 2.70
C ALA B 186 -27.28 7.30 2.91
N VAL B 187 -27.26 8.27 2.00
CA VAL B 187 -26.28 9.35 2.03
C VAL B 187 -26.83 10.61 2.71
N PRO B 188 -26.14 11.13 3.74
CA PRO B 188 -26.64 12.33 4.42
C PRO B 188 -26.85 13.45 3.41
N LYS B 189 -27.95 14.17 3.57
CA LYS B 189 -28.39 15.20 2.61
C LYS B 189 -27.28 16.17 2.17
N ASN B 190 -26.44 16.62 3.10
CA ASN B 190 -25.39 17.57 2.78
C ASN B 190 -24.22 17.03 1.93
N TYR B 191 -24.28 15.75 1.59
CA TYR B 191 -23.22 15.13 0.81
C TYR B 191 -23.73 14.60 -0.53
N LYS B 192 -22.81 14.55 -1.50
CA LYS B 192 -23.02 13.75 -2.70
C LYS B 192 -22.00 12.62 -2.66
N LEU B 193 -22.40 11.43 -3.10
CA LEU B 193 -21.49 10.31 -3.18
C LEU B 193 -20.99 10.18 -4.61
N VAL B 194 -19.69 10.02 -4.79
CA VAL B 194 -19.18 9.73 -6.12
C VAL B 194 -18.34 8.48 -6.10
N ALA B 195 -18.24 7.82 -7.25
CA ALA B 195 -17.32 6.71 -7.42
C ALA B 195 -16.15 7.19 -8.27
N ALA B 196 -14.99 7.32 -7.65
CA ALA B 196 -13.79 7.79 -8.33
C ALA B 196 -12.96 6.62 -8.83
N PRO B 197 -12.74 6.56 -10.16
CA PRO B 197 -11.83 5.52 -10.66
C PRO B 197 -10.41 5.78 -10.19
N LEU B 198 -9.59 4.74 -10.20
CA LEU B 198 -8.23 4.84 -9.71
C LEU B 198 -7.35 5.78 -10.53
N PHE B 199 -7.54 5.79 -11.85
CA PHE B 199 -6.77 6.71 -12.68
C PHE B 199 -7.05 8.19 -12.37
N GLU B 200 -8.22 8.45 -11.82
CA GLU B 200 -8.62 9.80 -11.41
C GLU B 200 -7.92 10.20 -10.12
N LEU B 201 -7.75 9.27 -9.19
CA LEU B 201 -7.06 9.55 -7.94
C LEU B 201 -5.55 9.58 -8.12
N TYR B 202 -5.04 8.69 -8.98
CA TYR B 202 -3.59 8.51 -9.08
C TYR B 202 -2.82 9.79 -9.44
N ASP B 203 -1.71 10.00 -8.72
CA ASP B 203 -0.86 11.16 -8.94
C ASP B 203 -1.69 12.45 -9.01
N ASN B 204 -2.74 12.52 -8.19
CA ASN B 204 -3.64 13.66 -8.19
C ASN B 204 -3.92 14.21 -6.79
N ALA B 205 -2.83 14.47 -6.05
CA ALA B 205 -2.93 15.14 -4.75
C ALA B 205 -3.50 16.54 -4.85
N PRO B 206 -3.24 17.25 -5.96
CA PRO B 206 -3.86 18.58 -6.06
C PRO B 206 -5.39 18.51 -6.09
N GLY B 207 -5.93 17.39 -6.53
CA GLY B 207 -7.37 17.20 -6.54
C GLY B 207 -7.95 16.55 -5.29
N TYR B 208 -7.19 15.64 -4.65
CA TYR B 208 -7.74 14.85 -3.54
C TYR B 208 -6.91 14.81 -2.25
N GLY B 209 -5.73 15.42 -2.27
CA GLY B 209 -4.86 15.37 -1.10
C GLY B 209 -3.98 14.13 -1.12
N PRO B 210 -3.04 14.05 -0.18
CA PRO B 210 -2.00 13.01 -0.14
C PRO B 210 -2.57 11.64 0.19
N ILE B 211 -3.61 11.60 1.01
CA ILE B 211 -4.19 10.34 1.48
C ILE B 211 -5.06 9.67 0.42
N ILE B 212 -6.08 10.37 -0.06
CA ILE B 212 -6.94 9.79 -1.09
C ILE B 212 -6.16 9.45 -2.38
N SER B 213 -5.28 10.34 -2.79
CA SER B 213 -4.61 10.17 -4.07
C SER B 213 -3.57 9.05 -4.05
N SER B 214 -3.18 8.57 -2.86
CA SER B 214 -2.32 7.38 -2.82
C SER B 214 -3.08 6.06 -2.61
N LEU B 215 -4.41 6.10 -2.72
CA LEU B 215 -5.19 4.88 -2.63
C LEU B 215 -4.87 3.86 -3.71
N PRO B 216 -4.73 4.30 -4.98
CA PRO B 216 -4.36 3.34 -6.04
C PRO B 216 -3.15 2.47 -5.63
N GLN B 217 -2.09 3.11 -5.18
CA GLN B 217 -0.92 2.42 -4.62
C GLN B 217 -1.27 1.49 -3.46
N LEU B 218 -2.13 1.95 -2.55
CA LEU B 218 -2.47 1.16 -1.36
C LEU B 218 -3.35 0.00 -1.72
N LEU B 219 -3.98 0.07 -2.89
CA LEU B 219 -4.89 -0.97 -3.34
C LEU B 219 -4.26 -1.97 -4.30
N SER B 220 -3.06 -1.66 -4.80
CA SER B 220 -2.44 -2.44 -5.87
C SER B 220 -2.07 -3.88 -5.48
N ARG B 221 -1.87 -4.13 -4.19
CA ARG B 221 -1.54 -5.48 -3.75
C ARG B 221 -2.73 -6.44 -3.81
N PHE B 222 -3.95 -5.90 -3.84
CA PHE B 222 -5.13 -6.76 -3.78
C PHE B 222 -5.40 -7.44 -5.10
N ASN B 223 -5.75 -8.71 -5.02
CA ASN B 223 -6.23 -9.42 -6.19
C ASN B 223 -7.75 -9.27 -6.30
N PHE B 224 -8.17 -8.33 -7.13
CA PHE B 224 -9.60 -8.01 -7.22
C PHE B 224 -10.35 -8.96 -8.13
N ILE B 225 -11.52 -9.38 -7.66
CA ILE B 225 -12.40 -10.23 -8.44
C ILE B 225 -13.58 -9.41 -8.92
N TYR B 226 -13.73 -9.28 -10.24
CA TYR B 226 -14.82 -8.49 -10.78
C TYR B 226 -16.10 -9.31 -10.82
N ASN B 227 -16.82 -9.23 -9.70
CA ASN B 227 -18.05 -9.96 -9.34
C ASN B 227 -17.85 -11.02 -8.22
C1 GOL D . 13.51 0.11 -8.90
O1 GOL D . 13.63 -1.21 -8.43
C2 GOL D . 12.92 -0.01 -10.30
O2 GOL D . 13.63 0.81 -11.21
C3 GOL D . 11.46 0.40 -10.18
O3 GOL D . 10.90 -0.38 -9.16
C1 GOL E . 5.93 -5.85 -30.65
O1 GOL E . 5.91 -6.88 -29.68
C2 GOL E . 7.39 -5.52 -30.96
O2 GOL E . 7.51 -4.16 -31.30
C3 GOL E . 7.87 -6.37 -32.12
O3 GOL E . 9.12 -6.95 -31.81
C1 GOL F . -10.31 11.99 3.94
O1 GOL F . -11.24 11.09 4.46
C2 GOL F . -9.71 12.72 5.12
O2 GOL F . -9.75 14.11 4.93
C3 GOL F . -8.27 12.22 5.21
O3 GOL F . -8.31 10.85 4.87
#